data_2Z6C
#
_entry.id   2Z6C
#
_cell.length_a   61.150
_cell.length_b   64.920
_cell.length_c   70.810
_cell.angle_alpha   90.00
_cell.angle_beta   90.00
_cell.angle_gamma   90.00
#
_symmetry.space_group_name_H-M   'P 21 21 21'
#
loop_
_entity.id
_entity.type
_entity.pdbx_description
1 polymer Phototropin-1
2 non-polymer 'FLAVIN MONONUCLEOTIDE'
3 water water
#
_entity_poly.entity_id   1
_entity_poly.type   'polypeptide(L)'
_entity_poly.pdbx_seq_one_letter_code
;GIPRVSEDLKDALSTFQQTFVVSDATKPDYPIMYASAGFFNMTGYTSKEVVGRNCRFLQGSGTDADELAKIRETLAAGNN
YCGRILNYKKDGTSFWNLLTIAPIKDESGKVLKFIGMQVEVSKHTEGAK
;
_entity_poly.pdbx_strand_id   A,B
#
# COMPACT_ATOMS: atom_id res chain seq x y z
N VAL A 5 23.15 11.89 13.32
CA VAL A 5 23.08 12.67 14.59
C VAL A 5 22.94 14.18 14.34
N SER A 6 23.83 14.76 13.53
CA SER A 6 23.73 16.19 13.20
C SER A 6 22.48 16.51 12.37
N GLU A 7 21.69 17.43 12.91
CA GLU A 7 20.45 17.95 12.32
C GLU A 7 20.58 18.40 10.85
N ASP A 8 21.58 19.25 10.57
CA ASP A 8 21.86 19.77 9.22
C ASP A 8 22.24 18.65 8.24
N LEU A 9 22.93 17.64 8.75
CA LEU A 9 23.36 16.49 7.94
C LEU A 9 22.17 15.61 7.48
N LYS A 10 21.31 15.24 8.44
CA LYS A 10 20.16 14.36 8.18
C LYS A 10 19.27 14.89 7.05
N ASP A 11 18.98 16.19 7.11
CA ASP A 11 18.10 16.85 6.13
C ASP A 11 18.75 17.05 4.76
N ALA A 12 20.05 17.40 4.73
CA ALA A 12 20.76 17.63 3.45
C ALA A 12 20.94 16.35 2.66
N LEU A 13 21.17 15.28 3.41
CA LEU A 13 21.30 13.94 2.88
C LEU A 13 20.01 13.21 3.28
N SER A 14 18.89 13.82 2.89
CA SER A 14 17.57 13.24 3.04
C SER A 14 17.47 12.09 2.06
N THR A 15 17.19 10.92 2.62
CA THR A 15 16.91 9.74 1.82
C THR A 15 15.41 9.42 1.92
N PHE A 16 14.72 9.62 0.82
CA PHE A 16 13.30 9.29 0.80
C PHE A 16 13.10 7.94 0.05
N GLN A 17 13.80 6.91 0.54
CA GLN A 17 13.74 5.56 -0.02
C GLN A 17 12.29 4.97 -0.01
N GLN A 18 12.02 4.02 -0.91
CA GLN A 18 10.76 3.27 -0.98
C GLN A 18 11.01 1.83 -1.44
N THR A 19 10.40 0.87 -0.74
CA THR A 19 10.59 -0.56 -1.02
C THR A 19 9.25 -1.31 -0.81
N PHE A 20 9.21 -2.60 -1.16
CA PHE A 20 8.07 -3.43 -0.74
C PHE A 20 8.52 -4.85 -0.52
N VAL A 21 7.77 -5.57 0.32
CA VAL A 21 7.96 -7.00 0.48
C VAL A 21 6.65 -7.72 0.19
N VAL A 22 6.76 -8.99 -0.14
CA VAL A 22 5.63 -9.88 -0.25
C VAL A 22 5.89 -11.03 0.70
N SER A 23 4.91 -11.31 1.56
CA SER A 23 5.01 -12.34 2.57
C SER A 23 3.99 -13.43 2.36
N ASP A 24 4.30 -14.62 2.88
CA ASP A 24 3.41 -15.78 2.74
C ASP A 24 2.36 -15.63 3.85
N ALA A 25 1.09 -15.59 3.47
CA ALA A 25 0.01 -15.48 4.41
C ALA A 25 -0.52 -16.82 4.93
N THR A 26 0.07 -17.92 4.46
CA THR A 26 -0.41 -19.25 4.81
C THR A 26 0.54 -19.94 5.85
N LYS A 27 1.49 -19.18 6.37
CA LYS A 27 2.39 -19.66 7.40
C LYS A 27 2.32 -18.69 8.55
N PRO A 28 2.34 -19.20 9.80
CA PRO A 28 2.15 -18.34 10.97
C PRO A 28 3.25 -17.30 11.23
N ASP A 29 4.43 -17.46 10.64
CA ASP A 29 5.46 -16.45 10.79
C ASP A 29 5.41 -15.36 9.70
N TYR A 30 4.37 -15.40 8.86
CA TYR A 30 4.27 -14.45 7.74
C TYR A 30 5.62 -14.12 7.09
N PRO A 31 6.34 -15.16 6.61
CA PRO A 31 7.73 -14.93 6.14
C PRO A 31 7.80 -14.19 4.81
N ILE A 32 8.74 -13.26 4.70
CA ILE A 32 9.06 -12.66 3.43
C ILE A 32 9.36 -13.72 2.40
N MET A 33 8.73 -13.61 1.23
CA MET A 33 9.07 -14.41 0.08
C MET A 33 9.95 -13.61 -0.88
N TYR A 34 9.79 -12.30 -0.88
CA TYR A 34 10.45 -11.44 -1.84
C TYR A 34 10.55 -10.06 -1.24
N ALA A 35 11.75 -9.45 -1.25
CA ALA A 35 11.97 -8.06 -0.88
C ALA A 35 12.53 -7.31 -2.10
N SER A 36 11.92 -6.17 -2.43
CA SER A 36 12.21 -5.51 -3.67
C SER A 36 13.59 -4.89 -3.67
N ALA A 37 14.01 -4.43 -4.85
CA ALA A 37 15.21 -3.61 -4.99
C ALA A 37 14.98 -2.37 -4.13
N GLY A 38 16.04 -1.90 -3.48
CA GLY A 38 15.91 -0.73 -2.60
C GLY A 38 15.85 -1.12 -1.15
N PHE A 39 15.54 -2.39 -0.87
CA PHE A 39 15.43 -2.78 0.52
C PHE A 39 16.76 -2.54 1.27
N PHE A 40 17.86 -2.99 0.67
CA PHE A 40 19.21 -2.77 1.26
C PHE A 40 19.54 -1.26 1.33
N ASN A 41 19.29 -0.53 0.24
CA ASN A 41 19.49 0.94 0.22
C ASN A 41 18.81 1.63 1.41
N MET A 42 17.56 1.25 1.66
CA MET A 42 16.81 1.78 2.81
C MET A 42 17.30 1.25 4.16
N THR A 43 17.60 -0.05 4.27
CA THR A 43 17.69 -0.66 5.61
C THR A 43 19.03 -1.22 5.96
N GLY A 44 19.87 -1.49 4.96
CA GLY A 44 21.12 -2.21 5.21
C GLY A 44 20.93 -3.71 5.39
N TYR A 45 19.74 -4.24 5.06
CA TYR A 45 19.60 -5.70 4.99
C TYR A 45 19.43 -6.04 3.52
N THR A 46 20.11 -7.07 3.03
CA THR A 46 19.94 -7.47 1.63
C THR A 46 18.58 -8.14 1.38
N SER A 47 18.06 -8.00 0.16
CA SER A 47 16.78 -8.58 -0.26
C SER A 47 16.83 -10.10 -0.16
N LYS A 48 18.02 -10.68 -0.33
CA LYS A 48 18.24 -12.12 -0.24
C LYS A 48 18.21 -12.65 1.18
N GLU A 49 18.83 -11.95 2.12
CA GLU A 49 18.99 -12.48 3.48
C GLU A 49 17.72 -12.45 4.34
N VAL A 50 16.76 -11.62 3.91
CA VAL A 50 15.54 -11.45 4.66
C VAL A 50 14.49 -12.45 4.21
N VAL A 51 14.75 -13.17 3.11
CA VAL A 51 13.79 -14.16 2.65
C VAL A 51 13.64 -15.22 3.77
N GLY A 52 12.39 -15.54 4.10
CA GLY A 52 12.08 -16.56 5.12
C GLY A 52 11.94 -15.99 6.51
N ARG A 53 12.17 -14.68 6.65
CA ARG A 53 11.99 -14.05 7.94
C ARG A 53 10.75 -13.17 7.98
N ASN A 54 10.28 -12.95 9.19
CA ASN A 54 9.18 -12.04 9.46
C ASN A 54 9.82 -10.64 9.52
N CYS A 55 9.10 -9.64 9.03
CA CYS A 55 9.58 -8.26 8.97
C CYS A 55 9.83 -7.59 10.32
N ARG A 56 9.49 -8.26 11.42
CA ARG A 56 9.72 -7.69 12.75
C ARG A 56 11.19 -7.46 13.12
N PHE A 57 12.13 -7.98 12.33
CA PHE A 57 13.57 -7.66 12.50
C PHE A 57 13.84 -6.15 12.32
N LEU A 58 12.90 -5.43 11.71
CA LEU A 58 13.03 -3.98 11.55
C LEU A 58 12.60 -3.21 12.80
N GLN A 59 12.10 -3.90 13.81
CA GLN A 59 11.51 -3.19 14.96
C GLN A 59 12.53 -3.03 16.10
N GLY A 60 12.22 -2.19 17.08
CA GLY A 60 13.12 -1.99 18.20
C GLY A 60 12.32 -1.42 19.35
N SER A 61 13.04 -0.82 20.30
CA SER A 61 12.49 -0.36 21.58
C SER A 61 11.41 0.66 21.40
N GLY A 62 11.60 1.58 20.45
CA GLY A 62 10.68 2.67 20.28
C GLY A 62 9.47 2.38 19.37
N THR A 63 9.39 1.16 18.84
CA THR A 63 8.29 0.79 17.94
C THR A 63 7.02 0.67 18.76
N ASP A 64 5.96 1.29 18.28
CA ASP A 64 4.73 1.34 19.06
C ASP A 64 4.01 0.00 19.09
N ALA A 65 3.95 -0.60 20.29
CA ALA A 65 3.26 -1.88 20.51
C ALA A 65 1.81 -1.92 20.07
N ASP A 66 1.08 -0.81 20.23
CA ASP A 66 -0.35 -0.78 19.80
C ASP A 66 -0.52 -0.86 18.28
N GLU A 67 0.46 -0.33 17.55
CA GLU A 67 0.45 -0.39 16.11
C GLU A 67 0.70 -1.84 15.64
N LEU A 68 1.60 -2.52 16.33
CA LEU A 68 1.88 -3.93 16.10
C LEU A 68 0.66 -4.80 16.33
N ALA A 69 -0.12 -4.49 17.39
CA ALA A 69 -1.39 -5.17 17.62
C ALA A 69 -2.39 -4.99 16.47
N LYS A 70 -2.45 -3.78 15.88
CA LYS A 70 -3.39 -3.55 14.79
C LYS A 70 -2.95 -4.33 13.55
N ILE A 71 -1.64 -4.40 13.31
CA ILE A 71 -1.11 -5.22 12.24
C ILE A 71 -1.48 -6.68 12.41
N ARG A 72 -1.26 -7.26 13.58
CA ARG A 72 -1.65 -8.67 13.75
C ARG A 72 -3.13 -8.89 13.48
N GLU A 73 -3.94 -7.93 13.91
CA GLU A 73 -5.40 -7.96 13.78
C GLU A 73 -5.78 -7.92 12.32
N THR A 74 -5.12 -7.05 11.54
CA THR A 74 -5.25 -6.98 10.07
C THR A 74 -4.97 -8.28 9.32
N LEU A 75 -3.87 -8.93 9.69
CA LEU A 75 -3.42 -10.15 9.05
C LEU A 75 -4.43 -11.28 9.34
N ALA A 76 -4.86 -11.37 10.58
CA ALA A 76 -5.85 -12.37 11.00
C ALA A 76 -7.17 -12.15 10.28
N ALA A 77 -7.65 -10.90 10.19
CA ALA A 77 -8.91 -10.60 9.49
C ALA A 77 -8.77 -10.69 7.95
N GLY A 78 -7.54 -10.65 7.43
CA GLY A 78 -7.33 -10.60 5.97
C GLY A 78 -7.67 -9.23 5.35
N ASN A 79 -7.59 -8.16 6.13
CA ASN A 79 -7.80 -6.86 5.51
C ASN A 79 -6.52 -6.05 5.34
N ASN A 80 -6.58 -4.73 5.48
CA ASN A 80 -5.42 -3.89 5.15
C ASN A 80 -4.94 -3.13 6.42
N TYR A 81 -3.74 -2.57 6.37
CA TYR A 81 -3.16 -1.79 7.42
C TYR A 81 -2.42 -0.58 6.85
N CYS A 82 -2.61 0.58 7.49
CA CYS A 82 -1.89 1.81 7.09
C CYS A 82 -1.42 2.42 8.38
N GLY A 83 -0.12 2.66 8.49
CA GLY A 83 0.42 3.25 9.72
C GLY A 83 1.77 3.90 9.42
N ARG A 84 2.26 4.66 10.39
CA ARG A 84 3.59 5.27 10.31
C ARG A 84 4.25 4.75 11.54
N ILE A 85 5.21 3.83 11.40
CA ILE A 85 5.86 3.24 12.57
C ILE A 85 7.36 3.45 12.61
N LEU A 86 7.88 3.33 13.82
CA LEU A 86 9.29 3.45 14.06
C LEU A 86 10.06 2.15 13.83
N ASN A 87 10.95 2.18 12.84
CA ASN A 87 11.77 1.04 12.48
C ASN A 87 13.30 1.38 12.61
N TYR A 88 14.16 0.37 12.42
CA TYR A 88 15.60 0.46 12.68
C TYR A 88 16.35 -0.25 11.57
N LYS A 89 17.29 0.47 10.98
CA LYS A 89 18.24 -0.12 10.02
C LYS A 89 19.20 -1.14 10.68
N LYS A 90 19.87 -1.97 9.87
CA LYS A 90 20.86 -2.92 10.40
C LYS A 90 21.83 -2.23 11.41
N ASP A 91 22.27 -1.04 11.03
CA ASP A 91 22.90 0.00 11.88
C ASP A 91 22.39 0.25 13.28
N GLY A 92 21.09 0.11 13.46
CA GLY A 92 20.44 0.59 14.67
C GLY A 92 19.87 1.97 14.50
N THR A 93 20.17 2.61 13.37
CA THR A 93 19.62 3.93 13.06
C THR A 93 18.08 3.82 12.93
N SER A 94 17.37 4.68 13.65
CA SER A 94 15.91 4.71 13.52
C SER A 94 15.42 5.52 12.35
N PHE A 95 14.30 5.09 11.76
CA PHE A 95 13.61 5.85 10.71
C PHE A 95 12.08 5.62 10.81
N TRP A 96 11.32 6.55 10.25
CA TRP A 96 9.90 6.43 10.25
C TRP A 96 9.49 5.76 8.95
N ASN A 97 8.69 4.73 9.10
CA ASN A 97 8.24 3.90 7.99
C ASN A 97 6.75 4.16 7.75
N LEU A 98 6.41 4.83 6.65
CA LEU A 98 5.03 4.84 6.21
C LEU A 98 4.67 3.48 5.57
N LEU A 99 4.04 2.61 6.37
CA LEU A 99 3.82 1.20 6.06
C LEU A 99 2.36 0.97 5.60
N THR A 100 2.23 0.34 4.44
CA THR A 100 0.89 0.07 3.88
C THR A 100 0.88 -1.40 3.60
N ILE A 101 -0.03 -2.13 4.24
CA ILE A 101 -0.11 -3.58 3.98
C ILE A 101 -1.46 -3.92 3.33
N ALA A 102 -1.45 -4.69 2.26
CA ALA A 102 -2.71 -5.11 1.65
C ALA A 102 -2.68 -6.62 1.36
N PRO A 103 -3.87 -7.27 1.43
CA PRO A 103 -3.95 -8.73 1.16
C PRO A 103 -3.90 -9.02 -0.34
N ILE A 104 -3.28 -10.13 -0.70
CA ILE A 104 -3.23 -10.58 -2.08
C ILE A 104 -4.11 -11.83 -2.12
N LYS A 105 -5.32 -11.69 -2.67
CA LYS A 105 -6.33 -12.74 -2.58
C LYS A 105 -6.46 -13.43 -3.92
N ASP A 106 -6.73 -14.74 -3.92
CA ASP A 106 -6.92 -15.42 -5.18
C ASP A 106 -8.35 -15.31 -5.67
N GLU A 107 -8.67 -16.09 -6.69
CA GLU A 107 -9.94 -16.05 -7.39
C GLU A 107 -11.13 -16.34 -6.54
N SER A 108 -10.94 -17.09 -5.47
CA SER A 108 -12.04 -17.42 -4.61
C SER A 108 -11.99 -16.62 -3.27
N GLY A 109 -11.08 -15.67 -3.16
CA GLY A 109 -11.02 -14.83 -1.94
C GLY A 109 -10.01 -15.34 -0.92
N LYS A 110 -9.25 -16.41 -1.23
CA LYS A 110 -8.30 -16.90 -0.19
C LYS A 110 -7.14 -15.89 -0.09
N VAL A 111 -6.74 -15.55 1.14
CA VAL A 111 -5.60 -14.67 1.33
C VAL A 111 -4.34 -15.53 1.27
N LEU A 112 -3.62 -15.43 0.17
CA LEU A 112 -2.38 -16.27 -0.05
C LEU A 112 -1.10 -15.55 0.37
N LYS A 113 -1.11 -14.23 0.18
CA LYS A 113 0.05 -13.40 0.51
C LYS A 113 -0.41 -12.06 1.03
N PHE A 114 0.51 -11.32 1.64
CA PHE A 114 0.32 -9.89 1.88
C PHE A 114 1.47 -9.12 1.22
N ILE A 115 1.17 -7.94 0.67
CA ILE A 115 2.18 -7.03 0.21
C ILE A 115 2.32 -5.90 1.22
N GLY A 116 3.55 -5.51 1.52
CA GLY A 116 3.79 -4.38 2.40
C GLY A 116 4.70 -3.38 1.69
N MET A 117 4.18 -2.18 1.47
CA MET A 117 4.94 -1.10 0.87
C MET A 117 5.50 -0.24 1.99
N GLN A 118 6.80 0.05 1.92
CA GLN A 118 7.47 0.76 3.04
C GLN A 118 8.05 2.05 2.50
N VAL A 119 7.71 3.19 3.09
CA VAL A 119 8.16 4.49 2.61
C VAL A 119 8.87 5.20 3.78
N GLU A 120 10.16 5.48 3.62
CA GLU A 120 10.88 6.24 4.66
C GLU A 120 10.40 7.70 4.57
N VAL A 121 9.92 8.21 5.69
CA VAL A 121 9.39 9.56 5.78
C VAL A 121 9.94 10.22 7.05
N SER A 122 9.73 11.53 7.19
CA SER A 122 10.09 12.18 8.46
C SER A 122 8.98 11.98 9.49
N LYS A 123 9.19 12.51 10.70
CA LYS A 123 8.39 12.13 11.89
C LYS A 123 6.92 12.50 11.80
N HIS A 124 6.63 13.64 11.16
CA HIS A 124 5.25 14.16 11.08
C HIS A 124 4.75 14.60 9.69
N THR A 125 3.42 14.49 9.53
CA THR A 125 2.64 14.88 8.33
C THR A 125 1.44 13.92 8.21
N VAL B 5 10.55 -0.70 -6.09
CA VAL B 5 9.11 -0.23 -6.21
C VAL B 5 8.55 -0.10 -7.68
N SER B 6 8.03 1.07 -8.07
CA SER B 6 6.85 1.15 -8.99
C SER B 6 6.63 0.17 -10.17
N GLU B 7 7.65 -0.09 -10.99
CA GLU B 7 7.41 -1.04 -12.12
C GLU B 7 7.49 -2.46 -11.63
N ASP B 8 8.49 -2.74 -10.80
CA ASP B 8 8.57 -4.00 -10.07
C ASP B 8 7.26 -4.28 -9.27
N LEU B 9 6.67 -3.23 -8.70
CA LEU B 9 5.46 -3.36 -7.85
C LEU B 9 4.24 -3.74 -8.70
N LYS B 10 4.10 -3.07 -9.82
CA LYS B 10 3.09 -3.32 -10.79
C LYS B 10 3.20 -4.78 -11.25
N ASP B 11 4.44 -5.21 -11.51
CA ASP B 11 4.71 -6.55 -11.95
C ASP B 11 4.38 -7.58 -10.89
N ALA B 12 4.72 -7.30 -9.63
CA ALA B 12 4.36 -8.26 -8.55
C ALA B 12 2.83 -8.42 -8.42
N LEU B 13 2.11 -7.32 -8.43
CA LEU B 13 0.67 -7.36 -8.33
C LEU B 13 0.00 -8.05 -9.51
N SER B 14 0.47 -7.75 -10.72
CA SER B 14 0.05 -8.47 -11.94
C SER B 14 0.29 -9.98 -11.94
N THR B 15 1.41 -10.39 -11.38
CA THR B 15 1.78 -11.81 -11.26
C THR B 15 0.70 -12.62 -10.52
N PHE B 16 0.06 -11.96 -9.53
CA PHE B 16 -1.03 -12.56 -8.77
C PHE B 16 -2.43 -12.10 -9.18
N GLN B 17 -2.57 -11.63 -10.42
CA GLN B 17 -3.86 -11.31 -11.00
C GLN B 17 -4.65 -10.35 -10.11
N GLN B 18 -3.94 -9.36 -9.54
CA GLN B 18 -4.59 -8.40 -8.63
C GLN B 18 -5.23 -7.24 -9.37
N THR B 19 -6.21 -6.63 -8.71
CA THR B 19 -6.87 -5.44 -9.20
C THR B 19 -6.24 -4.22 -8.56
N PHE B 20 -5.77 -3.32 -9.42
CA PHE B 20 -5.18 -2.06 -8.95
C PHE B 20 -5.19 -0.99 -10.06
N VAL B 21 -5.03 0.25 -9.65
CA VAL B 21 -4.90 1.35 -10.60
C VAL B 21 -3.72 2.19 -10.15
N VAL B 22 -3.15 2.93 -11.06
CA VAL B 22 -2.10 3.88 -10.70
C VAL B 22 -2.58 5.24 -11.22
N SER B 23 -2.63 6.22 -10.32
CA SER B 23 -3.06 7.55 -10.61
C SER B 23 -1.93 8.57 -10.54
N ASP B 24 -2.01 9.55 -11.44
CA ASP B 24 -1.10 10.71 -11.49
C ASP B 24 -1.30 11.74 -10.39
N ALA B 25 -0.32 11.90 -9.49
CA ALA B 25 -0.41 12.92 -8.44
C ALA B 25 0.07 14.32 -8.89
N THR B 26 0.53 14.44 -10.14
CA THR B 26 1.03 15.71 -10.69
C THR B 26 -0.03 16.39 -11.57
N LYS B 27 -0.98 15.59 -12.07
CA LYS B 27 -2.20 16.14 -12.70
C LYS B 27 -3.25 16.40 -11.60
N PRO B 28 -4.14 17.40 -11.80
CA PRO B 28 -4.91 17.94 -10.65
C PRO B 28 -6.04 17.08 -10.00
N ASP B 29 -6.68 16.23 -10.79
CA ASP B 29 -7.78 15.40 -10.28
C ASP B 29 -7.41 13.91 -10.28
N TYR B 30 -6.13 13.60 -10.02
CA TYR B 30 -5.65 12.21 -9.87
C TYR B 30 -6.22 11.27 -10.91
N PRO B 31 -6.07 11.62 -12.20
CA PRO B 31 -6.53 10.75 -13.26
C PRO B 31 -5.79 9.40 -13.19
N ILE B 32 -6.49 8.35 -13.58
CA ILE B 32 -5.91 7.03 -13.68
C ILE B 32 -4.96 7.00 -14.87
N MET B 33 -3.74 6.55 -14.61
CA MET B 33 -2.72 6.31 -15.63
C MET B 33 -2.73 4.88 -16.10
N TYR B 34 -3.07 3.96 -15.19
CA TYR B 34 -2.94 2.54 -15.46
C TYR B 34 -4.00 1.83 -14.64
N ALA B 35 -4.73 0.91 -15.25
CA ALA B 35 -5.66 0.02 -14.56
C ALA B 35 -5.27 -1.43 -14.94
N SER B 36 -5.11 -2.31 -13.94
CA SER B 36 -4.69 -3.67 -14.23
C SER B 36 -5.80 -4.50 -14.89
N ALA B 37 -5.47 -5.66 -15.45
CA ALA B 37 -6.50 -6.48 -16.11
C ALA B 37 -7.61 -6.94 -15.17
N GLY B 38 -7.30 -7.07 -13.89
CA GLY B 38 -8.28 -7.41 -12.88
C GLY B 38 -9.40 -6.37 -12.66
N PHE B 39 -9.15 -5.13 -13.07
CA PHE B 39 -10.09 -4.03 -12.91
C PHE B 39 -11.41 -4.31 -13.68
N PHE B 40 -11.28 -4.77 -14.93
CA PHE B 40 -12.45 -5.12 -15.71
C PHE B 40 -13.26 -6.20 -15.03
N ASN B 41 -12.56 -7.22 -14.54
CA ASN B 41 -13.24 -8.29 -13.91
C ASN B 41 -13.96 -7.88 -12.64
N MET B 42 -13.34 -6.98 -11.88
CA MET B 42 -13.94 -6.55 -10.63
C MET B 42 -15.11 -5.57 -10.85
N THR B 43 -15.00 -4.68 -11.85
CA THR B 43 -15.91 -3.50 -11.93
C THR B 43 -16.82 -3.49 -13.16
N GLY B 44 -16.47 -4.26 -14.19
CA GLY B 44 -17.15 -4.18 -15.48
C GLY B 44 -16.65 -3.07 -16.39
N TYR B 45 -15.70 -2.26 -15.93
CA TYR B 45 -15.11 -1.20 -16.78
C TYR B 45 -13.77 -1.68 -17.35
N THR B 46 -13.58 -1.52 -18.67
CA THR B 46 -12.26 -1.76 -19.29
C THR B 46 -11.27 -0.64 -18.91
N SER B 47 -9.98 -0.91 -19.09
CA SER B 47 -8.91 0.11 -18.86
C SER B 47 -9.11 1.37 -19.71
N LYS B 48 -9.45 1.19 -20.98
CA LYS B 48 -9.56 2.30 -21.91
C LYS B 48 -10.75 3.20 -21.63
N GLU B 49 -11.80 2.64 -21.03
CA GLU B 49 -12.93 3.44 -20.53
C GLU B 49 -12.56 4.36 -19.39
N VAL B 50 -11.45 4.03 -18.74
CA VAL B 50 -11.14 4.43 -17.36
C VAL B 50 -9.83 5.23 -17.27
N VAL B 51 -8.86 4.91 -18.14
CA VAL B 51 -7.60 5.68 -18.18
C VAL B 51 -7.94 7.13 -18.49
N GLY B 52 -7.43 8.06 -17.69
CA GLY B 52 -7.76 9.47 -17.85
C GLY B 52 -8.88 9.93 -16.92
N ARG B 53 -9.47 9.00 -16.16
CA ARG B 53 -10.59 9.35 -15.26
C ARG B 53 -10.13 9.22 -13.81
N ASN B 54 -10.68 10.08 -12.96
CA ASN B 54 -10.62 9.90 -11.52
C ASN B 54 -11.50 8.67 -11.18
N CYS B 55 -11.01 7.84 -10.27
CA CYS B 55 -11.69 6.53 -9.91
C CYS B 55 -13.04 6.68 -9.17
N ARG B 56 -13.47 7.94 -8.92
CA ARG B 56 -14.78 8.23 -8.30
C ARG B 56 -16.00 7.76 -9.07
N PHE B 57 -15.84 7.41 -10.35
CA PHE B 57 -16.91 6.77 -11.10
C PHE B 57 -17.41 5.41 -10.50
N LEU B 58 -16.63 4.82 -9.59
CA LEU B 58 -17.04 3.60 -8.84
C LEU B 58 -18.03 3.90 -7.71
N GLN B 59 -18.23 5.17 -7.40
CA GLN B 59 -19.04 5.54 -6.27
C GLN B 59 -20.52 5.74 -6.63
N GLY B 60 -21.34 5.88 -5.60
CA GLY B 60 -22.77 6.03 -5.78
C GLY B 60 -23.36 6.51 -4.48
N SER B 61 -24.68 6.55 -4.41
CA SER B 61 -25.32 7.17 -3.19
C SER B 61 -25.00 6.49 -1.84
N GLY B 62 -24.73 5.19 -1.85
CA GLY B 62 -24.34 4.40 -0.66
C GLY B 62 -22.91 4.63 -0.17
N THR B 63 -22.05 5.19 -1.01
CA THR B 63 -20.67 5.52 -0.61
C THR B 63 -20.54 6.50 0.55
N ASP B 64 -19.79 6.12 1.59
CA ASP B 64 -19.58 6.96 2.77
C ASP B 64 -18.78 8.23 2.44
N ALA B 65 -19.44 9.40 2.48
CA ALA B 65 -18.77 10.70 2.24
C ALA B 65 -17.65 10.96 3.24
N ASP B 66 -17.80 10.46 4.45
CA ASP B 66 -16.74 10.64 5.45
C ASP B 66 -15.43 9.92 5.09
N GLU B 67 -15.56 8.73 4.52
CA GLU B 67 -14.38 8.05 4.00
C GLU B 67 -13.76 8.80 2.82
N LEU B 68 -14.59 9.34 1.94
CA LEU B 68 -14.03 10.09 0.79
C LEU B 68 -13.24 11.34 1.23
N ALA B 69 -13.67 11.95 2.34
CA ALA B 69 -12.93 13.05 3.02
C ALA B 69 -11.60 12.55 3.51
N LYS B 70 -11.59 11.38 4.18
CA LYS B 70 -10.32 10.78 4.58
C LYS B 70 -9.37 10.58 3.37
N ILE B 71 -9.90 10.12 2.24
CA ILE B 71 -9.09 9.90 1.05
C ILE B 71 -8.49 11.26 0.52
N ARG B 72 -9.33 12.29 0.40
CA ARG B 72 -8.92 13.60 -0.07
C ARG B 72 -7.76 14.10 0.79
N GLU B 73 -7.90 13.95 2.11
CA GLU B 73 -6.86 14.35 3.03
C GLU B 73 -5.56 13.58 2.82
N THR B 74 -5.68 12.25 2.60
CA THR B 74 -4.49 11.41 2.35
C THR B 74 -3.73 11.89 1.13
N LEU B 75 -4.45 12.17 0.06
CA LEU B 75 -3.83 12.47 -1.21
C LEU B 75 -3.15 13.86 -1.17
N ALA B 76 -3.69 14.75 -0.35
CA ALA B 76 -3.14 16.12 -0.24
C ALA B 76 -1.93 16.02 0.65
N ALA B 77 -1.98 15.14 1.65
CA ALA B 77 -0.83 14.96 2.54
C ALA B 77 0.31 14.08 2.01
N GLY B 78 0.14 13.42 0.86
CA GLY B 78 1.09 12.39 0.37
C GLY B 78 1.24 11.14 1.26
N ASN B 79 0.20 10.82 2.05
CA ASN B 79 0.21 9.65 2.95
C ASN B 79 -0.47 8.44 2.35
N ASN B 80 -0.93 7.53 3.19
CA ASN B 80 -1.60 6.32 2.70
C ASN B 80 -3.07 6.32 3.18
N TYR B 81 -3.88 5.44 2.61
CA TYR B 81 -5.31 5.33 2.94
C TYR B 81 -5.68 3.87 2.85
N CYS B 82 -6.39 3.40 3.88
CA CYS B 82 -6.90 2.05 4.07
C CYS B 82 -8.37 2.15 4.42
N GLY B 83 -9.26 1.63 3.59
CA GLY B 83 -10.64 1.57 4.10
C GLY B 83 -11.46 0.62 3.29
N ARG B 84 -12.69 0.34 3.76
CA ARG B 84 -13.57 -0.51 3.00
C ARG B 84 -14.78 0.40 2.63
N ILE B 85 -15.02 0.54 1.33
CA ILE B 85 -15.98 1.53 0.84
C ILE B 85 -16.95 0.87 -0.10
N LEU B 86 -18.15 1.42 -0.12
CA LEU B 86 -19.21 0.88 -0.94
C LEU B 86 -19.07 1.42 -2.35
N ASN B 87 -18.96 0.52 -3.32
CA ASN B 87 -18.74 0.92 -4.70
C ASN B 87 -19.75 0.15 -5.55
N TYR B 88 -19.79 0.45 -6.84
CA TYR B 88 -20.82 -0.05 -7.76
C TYR B 88 -20.11 -0.37 -9.05
N LYS B 89 -20.42 -1.53 -9.60
CA LYS B 89 -19.87 -1.94 -10.86
C LYS B 89 -20.58 -1.17 -11.99
N LYS B 90 -20.14 -1.41 -13.21
CA LYS B 90 -20.73 -0.69 -14.32
C LYS B 90 -22.23 -1.05 -14.48
N ASP B 91 -22.60 -2.28 -14.11
CA ASP B 91 -24.00 -2.64 -14.18
C ASP B 91 -24.83 -2.26 -12.95
N GLY B 92 -24.28 -1.45 -12.05
CA GLY B 92 -24.97 -1.07 -10.82
C GLY B 92 -24.83 -2.00 -9.62
N THR B 93 -24.20 -3.15 -9.82
CA THR B 93 -24.04 -4.08 -8.69
C THR B 93 -23.22 -3.40 -7.60
N SER B 94 -23.76 -3.35 -6.38
CA SER B 94 -23.07 -2.76 -5.24
C SER B 94 -22.15 -3.80 -4.55
N PHE B 95 -20.99 -3.33 -4.04
CA PHE B 95 -20.05 -4.22 -3.38
C PHE B 95 -19.14 -3.47 -2.42
N TRP B 96 -18.57 -4.19 -1.46
CA TRP B 96 -17.50 -3.64 -0.62
C TRP B 96 -16.16 -3.72 -1.36
N ASN B 97 -15.50 -2.57 -1.43
CA ASN B 97 -14.18 -2.49 -2.02
C ASN B 97 -13.20 -2.19 -0.88
N LEU B 98 -12.29 -3.12 -0.61
CA LEU B 98 -11.27 -2.89 0.42
C LEU B 98 -10.17 -2.24 -0.37
N LEU B 99 -10.01 -0.94 -0.10
CA LEU B 99 -9.21 -0.07 -0.95
C LEU B 99 -7.98 0.31 -0.13
N THR B 100 -6.81 0.19 -0.77
CA THR B 100 -5.54 0.51 -0.09
C THR B 100 -4.75 1.40 -1.01
N ILE B 101 -4.46 2.62 -0.55
CA ILE B 101 -3.76 3.58 -1.39
C ILE B 101 -2.43 3.90 -0.73
N ALA B 102 -1.35 3.83 -1.51
CA ALA B 102 -0.02 4.18 -1.04
C ALA B 102 0.66 5.15 -2.05
N PRO B 103 1.53 6.05 -1.56
CA PRO B 103 2.23 7.01 -2.44
C PRO B 103 3.46 6.40 -3.12
N ILE B 104 3.73 6.87 -4.33
CA ILE B 104 4.97 6.58 -5.06
C ILE B 104 5.70 7.92 -5.25
N LYS B 105 6.84 8.06 -4.60
CA LYS B 105 7.58 9.32 -4.55
C LYS B 105 8.91 9.21 -5.32
N ASP B 106 9.42 10.34 -5.81
CA ASP B 106 10.77 10.31 -6.39
C ASP B 106 11.82 10.76 -5.37
N GLU B 107 12.98 11.13 -5.89
CA GLU B 107 14.16 11.55 -5.11
C GLU B 107 13.83 12.73 -4.18
N SER B 108 13.05 13.69 -4.68
CA SER B 108 12.68 14.88 -3.91
C SER B 108 11.95 14.53 -2.62
N GLY B 109 11.22 13.41 -2.63
CA GLY B 109 10.15 13.17 -1.68
C GLY B 109 8.86 13.70 -2.29
N LYS B 110 8.92 14.03 -3.58
CA LYS B 110 7.76 14.50 -4.31
C LYS B 110 6.89 13.29 -4.68
N VAL B 111 5.59 13.38 -4.41
CA VAL B 111 4.66 12.32 -4.84
C VAL B 111 4.40 12.46 -6.33
N LEU B 112 4.73 11.41 -7.07
CA LEU B 112 4.47 11.39 -8.50
C LEU B 112 3.14 10.67 -8.81
N LYS B 113 2.85 9.62 -8.04
CA LYS B 113 1.73 8.72 -8.36
C LYS B 113 1.18 8.20 -7.03
N PHE B 114 -0.07 7.77 -7.06
CA PHE B 114 -0.63 6.87 -6.08
C PHE B 114 -0.99 5.56 -6.73
N ILE B 115 -0.74 4.48 -6.02
CA ILE B 115 -1.25 3.16 -6.45
C ILE B 115 -2.44 2.83 -5.54
N GLY B 116 -3.53 2.37 -6.09
CA GLY B 116 -4.68 1.93 -5.29
C GLY B 116 -4.99 0.48 -5.58
N MET B 117 -4.88 -0.36 -4.55
CA MET B 117 -5.14 -1.78 -4.69
C MET B 117 -6.54 -1.99 -4.20
N GLN B 118 -7.32 -2.72 -5.00
CA GLN B 118 -8.73 -2.89 -4.78
C GLN B 118 -9.03 -4.38 -4.62
N VAL B 119 -9.83 -4.73 -3.63
CA VAL B 119 -10.40 -6.12 -3.63
C VAL B 119 -11.80 -6.08 -3.20
N GLU B 120 -12.63 -6.87 -3.88
CA GLU B 120 -14.04 -7.04 -3.52
C GLU B 120 -14.07 -8.01 -2.36
N VAL B 121 -14.69 -7.56 -1.26
CA VAL B 121 -14.64 -8.24 0.01
C VAL B 121 -16.10 -8.53 0.44
N SER B 122 -16.33 -9.57 1.25
CA SER B 122 -17.70 -10.10 1.40
C SER B 122 -18.67 -9.21 2.18
N LYS B 123 -18.35 -9.00 3.47
CA LYS B 123 -19.27 -8.40 4.46
C LYS B 123 -19.00 -8.88 5.90
N HIS B 124 -18.52 -7.94 6.72
CA HIS B 124 -18.73 -7.91 8.17
C HIS B 124 -19.24 -6.48 8.40
N THR B 125 -20.28 -6.15 7.62
CA THR B 125 -20.78 -4.79 7.34
C THR B 125 -20.74 -3.75 8.46
#